data_3MCT
#
_entry.id   3MCT
#
_cell.length_a   85.384
_cell.length_b   67.176
_cell.length_c   80.160
_cell.angle_alpha   90.00
_cell.angle_beta   117.38
_cell.angle_gamma   90.00
#
_symmetry.space_group_name_H-M   'C 1 2 1'
#
loop_
_entity.id
_entity.type
_entity.pdbx_description
1 polymer VP39
2 non-polymer S-ADENOSYL-L-HOMOCYSTEINE
3 non-polymer 3-METHYLCYTOSINE
4 water water
#
_entity_poly.entity_id   1
_entity_poly.type   'polypeptide(L)'
_entity_poly.pdbx_seq_one_letter_code
;MDVVSLDKPFMYFEEIDNELDYEPESANEVAKKLPYQGQLKLLLGELFFLSKLQRHGILDGATVVYIGSAPGTHIRYLRD
HFYNLGVIIKWMLIDGRHHDPILNGLRDVTLVTRFVDEEYLRSIKKQLHPSKIILISDVRSKRGGNEPSTADLLSNYALQ
NVMISILNPVASSLKWRCPFPDQWIKDFYIPHGNKMLQPFAPSYSAEMRLLSIYTGENMRLTRVTKSDAVNYEKKMYYLN
KIVRNKVVVNFDYPNQEYDYFHMYFMLRTVYCNKTFPTTKAKVLFLQQSIFRFLNIP
;
_entity_poly.pdbx_strand_id   A
#
loop_
_chem_comp.id
_chem_comp.type
_chem_comp.name
_chem_comp.formula
3MC non-polymer 3-METHYLCYTOSINE 'C5 H8 N3 O 1'
#
# COMPACT_ATOMS: atom_id res chain seq x y z
N MET A 1 -4.62 -22.97 -20.85
CA MET A 1 -4.49 -21.62 -20.23
C MET A 1 -5.72 -21.38 -19.34
N ASP A 2 -5.58 -20.53 -18.32
CA ASP A 2 -6.64 -20.22 -17.36
C ASP A 2 -7.38 -18.93 -17.72
N VAL A 3 -8.26 -19.00 -18.71
CA VAL A 3 -8.96 -17.80 -19.20
C VAL A 3 -10.35 -17.46 -18.62
N VAL A 4 -10.64 -16.15 -18.55
CA VAL A 4 -11.89 -15.67 -17.98
C VAL A 4 -12.25 -14.21 -18.41
N SER A 5 -13.53 -13.84 -18.23
CA SER A 5 -14.03 -12.49 -18.52
C SER A 5 -14.40 -11.83 -17.19
N LEU A 6 -13.91 -10.62 -16.97
CA LEU A 6 -14.17 -9.88 -15.75
C LEU A 6 -14.56 -8.45 -16.03
N ASP A 7 -15.49 -7.93 -15.25
CA ASP A 7 -15.92 -6.56 -15.42
C ASP A 7 -14.90 -5.61 -14.79
N LYS A 8 -14.55 -5.92 -13.56
CA LYS A 8 -13.61 -5.13 -12.79
C LYS A 8 -12.90 -6.10 -11.86
N PRO A 9 -11.74 -5.69 -11.31
CA PRO A 9 -11.04 -6.59 -10.40
C PRO A 9 -11.57 -6.39 -8.97
N PHE A 10 -11.11 -7.22 -8.04
CA PHE A 10 -11.48 -7.06 -6.65
C PHE A 10 -10.56 -5.91 -6.18
N MET A 11 -11.15 -4.78 -5.85
CA MET A 11 -10.40 -3.61 -5.39
C MET A 11 -10.14 -3.60 -3.90
N TYR A 12 -11.11 -4.09 -3.13
CA TYR A 12 -11.03 -4.12 -1.67
C TYR A 12 -11.40 -5.50 -1.12
N PHE A 13 -10.91 -5.81 0.09
CA PHE A 13 -11.14 -7.11 0.73
C PHE A 13 -12.59 -7.59 0.71
N GLU A 14 -13.50 -6.69 1.05
CA GLU A 14 -14.93 -6.99 1.12
C GLU A 14 -15.54 -7.49 -0.18
N GLU A 15 -14.92 -7.12 -1.29
CA GLU A 15 -15.41 -7.51 -2.59
C GLU A 15 -15.15 -8.98 -2.90
N ILE A 16 -14.11 -9.59 -2.32
CA ILE A 16 -13.82 -11.01 -2.58
C ILE A 16 -15.07 -11.83 -2.24
N ASP A 17 -15.64 -12.44 -3.27
CA ASP A 17 -16.88 -13.19 -3.13
C ASP A 17 -16.80 -14.70 -2.97
N ASN A 18 -15.66 -15.22 -2.57
CA ASN A 18 -15.57 -16.65 -2.41
C ASN A 18 -14.39 -16.94 -1.52
N GLU A 19 -14.24 -18.18 -1.10
CA GLU A 19 -13.16 -18.54 -0.22
C GLU A 19 -12.76 -19.96 -0.44
N LEU A 20 -11.57 -20.31 0.00
CA LEU A 20 -11.04 -21.65 -0.20
C LEU A 20 -10.23 -22.05 1.01
N ASP A 21 -10.28 -23.33 1.37
CA ASP A 21 -9.51 -23.82 2.50
C ASP A 21 -8.05 -23.63 2.14
N TYR A 22 -7.30 -23.01 3.03
CA TYR A 22 -5.89 -22.76 2.82
C TYR A 22 -5.07 -24.05 2.77
N GLU A 23 -4.23 -24.17 1.74
CA GLU A 23 -3.37 -25.33 1.57
C GLU A 23 -1.96 -24.88 1.93
N PRO A 24 -1.42 -25.36 3.07
CA PRO A 24 -0.06 -24.99 3.50
C PRO A 24 1.05 -25.25 2.48
N GLU A 25 0.76 -26.09 1.50
CA GLU A 25 1.71 -26.46 0.45
C GLU A 25 2.02 -25.24 -0.46
N SER A 26 1.07 -24.32 -0.53
CA SER A 26 1.19 -23.11 -1.33
C SER A 26 2.37 -22.23 -0.89
N ALA A 27 2.80 -22.40 0.35
CA ALA A 27 3.91 -21.63 0.92
C ALA A 27 5.24 -21.99 0.26
N ASN A 28 5.28 -23.15 -0.37
CA ASN A 28 6.47 -23.64 -1.06
C ASN A 28 6.53 -23.22 -2.52
N GLU A 29 5.47 -22.55 -2.98
CA GLU A 29 5.39 -22.10 -4.36
C GLU A 29 6.06 -20.76 -4.62
N VAL A 30 6.46 -20.54 -5.88
CA VAL A 30 7.14 -19.31 -6.31
C VAL A 30 6.37 -18.07 -5.85
N ALA A 31 6.99 -17.29 -4.98
CA ALA A 31 6.40 -16.08 -4.42
C ALA A 31 6.47 -14.88 -5.33
N LYS A 32 7.50 -14.80 -6.17
CA LYS A 32 7.60 -13.65 -7.04
C LYS A 32 8.09 -13.96 -8.44
N LYS A 33 7.51 -13.25 -9.40
CA LYS A 33 7.81 -13.45 -10.80
C LYS A 33 8.54 -12.28 -11.47
N LEU A 34 8.50 -11.08 -10.88
CA LEU A 34 9.14 -9.90 -11.48
C LEU A 34 10.25 -9.35 -10.63
N PRO A 35 11.31 -8.82 -11.27
CA PRO A 35 12.38 -8.25 -10.46
C PRO A 35 11.83 -6.97 -9.81
N TYR A 36 12.25 -6.70 -8.58
CA TYR A 36 11.80 -5.53 -7.80
C TYR A 36 10.29 -5.49 -7.68
N GLN A 37 9.65 -6.66 -7.63
CA GLN A 37 8.20 -6.76 -7.54
C GLN A 37 7.65 -6.06 -6.30
N GLY A 38 8.43 -6.09 -5.21
CA GLY A 38 8.05 -5.45 -3.95
C GLY A 38 8.00 -3.94 -4.11
N GLN A 39 8.93 -3.36 -4.86
CA GLN A 39 8.93 -1.92 -5.07
C GLN A 39 7.72 -1.56 -5.92
N LEU A 40 7.40 -2.40 -6.90
CA LEU A 40 6.25 -2.18 -7.76
C LEU A 40 4.94 -2.25 -6.96
N LYS A 41 4.80 -3.27 -6.10
CA LYS A 41 3.62 -3.47 -5.24
C LYS A 41 3.35 -2.19 -4.44
N LEU A 42 4.37 -1.70 -3.74
CA LEU A 42 4.29 -0.48 -2.93
C LEU A 42 4.02 0.77 -3.77
N LEU A 43 4.73 0.92 -4.87
CA LEU A 43 4.54 2.09 -5.70
C LEU A 43 3.09 2.23 -6.19
N LEU A 44 2.48 1.12 -6.59
CA LEU A 44 1.11 1.19 -7.10
C LEU A 44 0.11 1.58 -6.02
N GLY A 45 0.24 0.94 -4.85
CA GLY A 45 -0.64 1.22 -3.73
C GLY A 45 -0.54 2.64 -3.22
N GLU A 46 0.69 3.12 -3.05
CA GLU A 46 0.92 4.47 -2.58
C GLU A 46 0.51 5.51 -3.63
N LEU A 47 0.61 5.18 -4.92
CA LEU A 47 0.18 6.12 -5.96
C LEU A 47 -1.35 6.20 -5.89
N PHE A 48 -1.98 5.05 -5.71
CA PHE A 48 -3.44 4.95 -5.61
C PHE A 48 -3.93 5.81 -4.44
N PHE A 49 -3.41 5.55 -3.24
CA PHE A 49 -3.77 6.28 -2.01
C PHE A 49 -3.61 7.81 -2.14
N LEU A 50 -2.41 8.24 -2.53
CA LEU A 50 -2.10 9.65 -2.68
C LEU A 50 -2.91 10.34 -3.74
N SER A 51 -3.26 9.65 -4.83
CA SER A 51 -4.08 10.29 -5.88
C SER A 51 -5.48 10.56 -5.31
N LYS A 52 -5.95 9.66 -4.43
CA LYS A 52 -7.24 9.80 -3.77
C LYS A 52 -7.26 11.08 -2.93
N LEU A 53 -6.22 11.26 -2.10
CA LEU A 53 -6.09 12.44 -1.26
C LEU A 53 -6.06 13.71 -2.08
N GLN A 54 -5.43 13.63 -3.25
CA GLN A 54 -5.37 14.77 -4.16
C GLN A 54 -6.80 15.06 -4.62
N ARG A 55 -7.50 14.01 -5.01
CA ARG A 55 -8.89 14.10 -5.47
C ARG A 55 -9.76 14.78 -4.42
N HIS A 56 -9.48 14.49 -3.14
CA HIS A 56 -10.20 15.08 -2.01
C HIS A 56 -9.58 16.40 -1.55
N GLY A 57 -8.60 16.90 -2.29
CA GLY A 57 -7.96 18.15 -1.95
C GLY A 57 -7.16 18.22 -0.66
N ILE A 58 -6.76 17.08 -0.13
CA ILE A 58 -6.01 17.07 1.12
C ILE A 58 -4.52 16.74 1.02
N LEU A 59 -4.01 16.62 -0.20
CA LEU A 59 -2.59 16.30 -0.39
C LEU A 59 -1.68 17.53 -0.41
N ASP A 60 -2.05 18.52 -1.22
CA ASP A 60 -1.26 19.74 -1.41
C ASP A 60 -0.99 20.44 -0.10
N GLY A 61 0.28 20.67 0.19
CA GLY A 61 0.67 21.36 1.40
C GLY A 61 0.92 20.46 2.59
N ALA A 62 0.73 19.15 2.42
CA ALA A 62 0.95 18.24 3.52
C ALA A 62 2.39 17.77 3.62
N THR A 63 2.71 17.12 4.73
CA THR A 63 4.03 16.53 4.93
C THR A 63 3.69 15.05 5.00
N VAL A 64 4.33 14.24 4.15
CA VAL A 64 4.07 12.82 4.18
C VAL A 64 5.14 12.27 5.08
N VAL A 65 4.73 11.62 6.16
CA VAL A 65 5.63 11.00 7.10
C VAL A 65 5.56 9.50 6.76
N TYR A 66 6.66 8.95 6.26
CA TYR A 66 6.71 7.55 5.85
C TYR A 66 7.63 6.89 6.83
N ILE A 67 7.11 5.93 7.58
CA ILE A 67 7.87 5.21 8.59
C ILE A 67 8.02 3.80 8.07
N GLY A 68 9.26 3.32 8.07
CA GLY A 68 9.57 2.02 7.49
C GLY A 68 9.76 2.25 5.99
N SER A 69 10.40 3.36 5.66
CA SER A 69 10.64 3.79 4.27
C SER A 69 11.83 3.21 3.47
N ALA A 70 12.84 2.66 4.15
CA ALA A 70 14.04 2.16 3.52
C ALA A 70 13.95 0.76 2.94
N PRO A 71 14.61 0.51 1.79
CA PRO A 71 15.42 1.44 0.98
C PRO A 71 14.62 2.57 0.36
N GLY A 72 13.38 2.28 -0.03
CA GLY A 72 12.51 3.30 -0.60
C GLY A 72 12.73 3.77 -2.02
N THR A 73 13.38 2.94 -2.84
CA THR A 73 13.67 3.24 -4.25
C THR A 73 12.44 3.80 -4.97
N HIS A 74 11.32 3.10 -4.87
CA HIS A 74 10.06 3.51 -5.49
C HIS A 74 9.54 4.87 -5.01
N ILE A 75 9.93 5.29 -3.80
CA ILE A 75 9.47 6.58 -3.25
C ILE A 75 9.95 7.76 -4.12
N ARG A 76 11.11 7.59 -4.76
CA ARG A 76 11.66 8.62 -5.65
C ARG A 76 10.70 8.83 -6.81
N TYR A 77 10.13 7.76 -7.36
CA TYR A 77 9.14 7.92 -8.43
C TYR A 77 7.92 8.70 -7.94
N LEU A 78 7.36 8.26 -6.81
CA LEU A 78 6.20 8.95 -6.19
C LEU A 78 6.46 10.44 -6.05
N ARG A 79 7.59 10.77 -5.43
CA ARG A 79 7.97 12.17 -5.22
C ARG A 79 8.01 12.97 -6.54
N ASP A 80 8.69 12.43 -7.55
CA ASP A 80 8.80 13.09 -8.84
C ASP A 80 7.43 13.30 -9.46
N HIS A 81 6.59 12.27 -9.39
CA HIS A 81 5.24 12.34 -9.95
C HIS A 81 4.46 13.53 -9.43
N PHE A 82 4.35 13.69 -8.11
CA PHE A 82 3.58 14.81 -7.56
C PHE A 82 4.29 16.14 -7.68
N TYR A 83 5.61 16.09 -7.66
CA TYR A 83 6.47 17.28 -7.79
C TYR A 83 6.29 17.87 -9.19
N ASN A 84 6.19 16.99 -10.19
CA ASN A 84 6.04 17.43 -11.57
C ASN A 84 4.61 17.86 -11.86
N LEU A 85 3.68 17.43 -11.02
CA LEU A 85 2.30 17.81 -11.22
C LEU A 85 2.03 19.17 -10.60
N GLY A 86 2.98 19.69 -9.82
CA GLY A 86 2.79 21.00 -9.21
C GLY A 86 2.31 20.94 -7.77
N VAL A 87 2.10 19.74 -7.24
CA VAL A 87 1.66 19.56 -5.86
C VAL A 87 2.86 19.84 -4.97
N ILE A 88 2.65 20.66 -3.93
CA ILE A 88 3.69 21.02 -2.97
C ILE A 88 3.55 20.03 -1.80
N ILE A 89 4.57 19.20 -1.59
CA ILE A 89 4.56 18.18 -0.52
C ILE A 89 5.97 18.08 0.05
N LYS A 90 6.08 17.89 1.37
CA LYS A 90 7.38 17.70 2.00
C LYS A 90 7.33 16.21 2.35
N TRP A 91 8.47 15.53 2.24
CA TRP A 91 8.52 14.12 2.57
C TRP A 91 9.47 13.99 3.73
N MET A 92 9.13 13.12 4.67
CA MET A 92 9.98 12.85 5.83
C MET A 92 10.00 11.33 5.90
N LEU A 93 11.15 10.78 5.57
CA LEU A 93 11.31 9.34 5.50
C LEU A 93 12.17 8.91 6.68
N ILE A 94 11.61 8.04 7.50
CA ILE A 94 12.26 7.58 8.73
C ILE A 94 12.38 6.06 8.80
N ASP A 95 13.58 5.57 9.04
CA ASP A 95 13.81 4.14 9.13
C ASP A 95 15.20 4.04 9.72
N GLY A 96 15.49 2.96 10.42
CA GLY A 96 16.83 2.79 10.97
C GLY A 96 17.84 2.29 9.94
N ARG A 97 17.33 1.79 8.81
CA ARG A 97 18.16 1.29 7.71
C ARG A 97 18.42 2.43 6.72
N HIS A 98 19.38 2.23 5.82
CA HIS A 98 19.68 3.29 4.86
C HIS A 98 18.82 3.32 3.62
N HIS A 99 18.53 4.55 3.19
CA HIS A 99 17.69 4.78 2.04
C HIS A 99 18.50 4.75 0.76
N ASP A 100 17.80 4.51 -0.35
CA ASP A 100 18.43 4.50 -1.67
C ASP A 100 18.98 5.90 -1.91
N PRO A 101 20.28 6.03 -2.20
CA PRO A 101 20.88 7.35 -2.44
C PRO A 101 20.20 8.23 -3.49
N ILE A 102 19.31 7.68 -4.30
CA ILE A 102 18.61 8.48 -5.30
C ILE A 102 17.61 9.46 -4.60
N LEU A 103 17.43 9.27 -3.29
CA LEU A 103 16.52 10.10 -2.51
C LEU A 103 17.20 11.32 -1.92
N ASN A 104 18.52 11.30 -1.88
CA ASN A 104 19.31 12.41 -1.36
C ASN A 104 19.26 13.63 -2.26
N GLY A 105 19.71 14.75 -1.69
CA GLY A 105 19.83 16.01 -2.41
C GLY A 105 18.58 16.69 -2.90
N LEU A 106 17.45 16.38 -2.29
CA LEU A 106 16.19 16.98 -2.67
C LEU A 106 15.76 17.84 -1.47
N ARG A 107 15.59 19.14 -1.67
CA ARG A 107 15.19 20.00 -0.56
C ARG A 107 13.84 19.59 0.07
N ASP A 108 12.95 19.02 -0.74
CA ASP A 108 11.63 18.61 -0.28
C ASP A 108 11.55 17.26 0.41
N VAL A 109 12.65 16.52 0.48
CA VAL A 109 12.64 15.23 1.16
C VAL A 109 13.71 15.12 2.23
N THR A 110 13.27 14.83 3.46
CA THR A 110 14.17 14.68 4.60
C THR A 110 14.29 13.22 4.93
N LEU A 111 15.52 12.73 5.02
CA LEU A 111 15.76 11.34 5.35
C LEU A 111 16.24 11.31 6.80
N VAL A 112 15.63 10.46 7.60
CA VAL A 112 15.96 10.36 9.01
C VAL A 112 16.34 8.90 9.29
N THR A 113 17.45 8.70 9.98
CA THR A 113 17.88 7.35 10.32
C THR A 113 17.55 7.15 11.80
N ARG A 114 16.36 6.63 12.07
CA ARG A 114 15.88 6.44 13.43
C ARG A 114 14.76 5.42 13.46
N PHE A 115 14.81 4.50 14.42
CA PHE A 115 13.71 3.57 14.57
C PHE A 115 12.78 4.35 15.50
N VAL A 116 11.55 4.59 15.04
CA VAL A 116 10.60 5.36 15.83
C VAL A 116 9.99 4.61 17.02
N ASP A 117 9.82 5.32 18.12
CA ASP A 117 9.17 4.79 19.30
C ASP A 117 8.19 5.89 19.66
N GLU A 118 7.27 5.61 20.58
CA GLU A 118 6.27 6.60 20.98
C GLU A 118 6.87 7.96 21.34
N GLU A 119 7.95 7.95 22.12
CA GLU A 119 8.64 9.17 22.51
C GLU A 119 9.12 10.00 21.32
N TYR A 120 9.65 9.32 20.31
CA TYR A 120 10.15 9.97 19.12
C TYR A 120 8.97 10.55 18.33
N LEU A 121 7.88 9.81 18.25
CA LEU A 121 6.70 10.30 17.54
C LEU A 121 6.24 11.65 18.08
N ARG A 122 6.30 11.79 19.41
CA ARG A 122 5.89 13.02 20.10
C ARG A 122 6.78 14.19 19.69
N SER A 123 8.09 13.97 19.62
CA SER A 123 9.01 15.01 19.23
C SER A 123 8.85 15.44 17.77
N ILE A 124 8.57 14.49 16.87
CA ILE A 124 8.40 14.89 15.47
C ILE A 124 7.10 15.65 15.31
N LYS A 125 6.06 15.25 16.04
CA LYS A 125 4.79 15.95 15.98
C LYS A 125 4.98 17.42 16.41
N LYS A 126 5.69 17.62 17.51
CA LYS A 126 5.96 18.97 18.01
C LYS A 126 6.77 19.74 16.98
N GLN A 127 7.69 19.06 16.31
CA GLN A 127 8.52 19.72 15.31
C GLN A 127 7.82 19.97 13.97
N LEU A 128 6.91 19.09 13.57
CA LEU A 128 6.20 19.27 12.31
C LEU A 128 5.10 20.34 12.43
N HIS A 129 4.59 20.51 13.64
CA HIS A 129 3.54 21.50 13.92
C HIS A 129 3.91 22.87 13.35
N PRO A 130 2.93 23.55 12.73
CA PRO A 130 1.52 23.19 12.49
C PRO A 130 1.17 22.57 11.15
N SER A 131 2.02 21.70 10.61
CA SER A 131 1.68 21.11 9.32
C SER A 131 0.73 19.93 9.43
N LYS A 132 -0.07 19.75 8.37
CA LYS A 132 -1.03 18.65 8.24
C LYS A 132 -0.18 17.44 7.83
N ILE A 133 -0.41 16.31 8.50
CA ILE A 133 0.38 15.11 8.27
C ILE A 133 -0.35 13.95 7.62
N ILE A 134 0.28 13.33 6.61
CA ILE A 134 -0.27 12.15 5.94
C ILE A 134 0.70 11.05 6.33
N LEU A 135 0.20 10.00 6.97
CA LEU A 135 1.07 8.93 7.40
C LEU A 135 1.05 7.69 6.50
N ILE A 136 2.24 7.16 6.23
CA ILE A 136 2.35 5.95 5.45
C ILE A 136 3.25 5.10 6.33
N SER A 137 2.80 3.90 6.63
CA SER A 137 3.57 3.00 7.46
C SER A 137 3.79 1.67 6.78
N ASP A 138 5.04 1.22 6.76
CA ASP A 138 5.38 -0.06 6.19
C ASP A 138 6.41 -0.73 7.08
N VAL A 139 6.28 -0.52 8.39
CA VAL A 139 7.23 -1.11 9.35
C VAL A 139 7.10 -2.63 9.41
N ARG A 140 8.22 -3.31 9.63
CA ARG A 140 8.23 -4.76 9.74
C ARG A 140 9.29 -5.16 10.74
N SER A 141 8.93 -6.09 11.62
CA SER A 141 9.79 -6.59 12.68
C SER A 141 10.99 -7.38 12.17
N PRO A 148 6.33 -12.81 10.27
CA PRO A 148 6.93 -12.77 11.61
C PRO A 148 5.94 -13.45 12.53
N SER A 149 6.20 -13.44 13.82
CA SER A 149 5.30 -14.07 14.77
C SER A 149 4.07 -13.19 14.91
N THR A 150 3.00 -13.76 15.48
CA THR A 150 1.80 -12.96 15.73
C THR A 150 2.18 -11.91 16.76
N ALA A 151 3.11 -12.26 17.65
CA ALA A 151 3.58 -11.32 18.68
C ALA A 151 4.23 -10.09 18.03
N ASP A 152 5.03 -10.32 16.99
CA ASP A 152 5.68 -9.24 16.24
C ASP A 152 4.62 -8.37 15.58
N LEU A 153 3.64 -9.03 14.95
CA LEU A 153 2.55 -8.35 14.28
C LEU A 153 1.77 -7.42 15.19
N LEU A 154 1.21 -7.98 16.27
CA LEU A 154 0.43 -7.22 17.25
C LEU A 154 1.19 -5.99 17.71
N SER A 155 2.46 -6.18 17.96
CA SER A 155 3.33 -5.11 18.39
C SER A 155 3.49 -4.04 17.30
N ASN A 156 3.54 -4.47 16.04
CA ASN A 156 3.66 -3.54 14.90
C ASN A 156 2.38 -2.76 14.79
N TYR A 157 1.25 -3.48 14.90
CA TYR A 157 -0.09 -2.86 14.82
C TYR A 157 -0.36 -1.90 15.96
N ALA A 158 0.15 -2.21 17.15
CA ALA A 158 0.00 -1.35 18.31
C ALA A 158 0.82 -0.07 18.05
N LEU A 159 2.00 -0.22 17.43
CA LEU A 159 2.84 0.93 17.11
C LEU A 159 2.14 1.81 16.07
N GLN A 160 1.50 1.19 15.10
CA GLN A 160 0.80 1.92 14.06
C GLN A 160 -0.37 2.75 14.61
N ASN A 161 -1.11 2.20 15.57
CA ASN A 161 -2.23 2.93 16.17
C ASN A 161 -1.68 4.15 16.94
N VAL A 162 -0.54 3.98 17.61
CA VAL A 162 0.13 5.07 18.36
C VAL A 162 0.67 6.18 17.43
N MET A 163 0.94 5.82 16.19
CA MET A 163 1.43 6.75 15.18
C MET A 163 0.30 7.73 14.88
N ILE A 164 -0.89 7.17 14.69
CA ILE A 164 -2.10 7.93 14.38
C ILE A 164 -2.53 8.79 15.57
N SER A 165 -2.56 8.20 16.77
CA SER A 165 -2.97 8.98 17.93
C SER A 165 -2.03 10.14 18.19
N ILE A 166 -0.73 9.90 18.17
CA ILE A 166 0.25 10.97 18.41
C ILE A 166 0.37 11.95 17.24
N LEU A 167 0.54 11.43 16.02
CA LEU A 167 0.70 12.28 14.84
C LEU A 167 -0.59 12.96 14.42
N ASN A 168 -1.72 12.33 14.72
CA ASN A 168 -3.01 12.90 14.35
C ASN A 168 -3.00 13.29 12.84
N PRO A 169 -2.78 12.32 11.95
CA PRO A 169 -2.74 12.61 10.53
C PRO A 169 -4.10 12.83 9.90
N VAL A 170 -4.14 13.53 8.77
CA VAL A 170 -5.39 13.77 8.06
C VAL A 170 -5.79 12.51 7.30
N ALA A 171 -4.82 11.63 7.08
CA ALA A 171 -5.07 10.36 6.38
C ALA A 171 -3.91 9.42 6.68
N SER A 172 -4.11 8.13 6.44
CA SER A 172 -3.04 7.18 6.67
C SER A 172 -3.17 5.94 5.79
N SER A 173 -2.03 5.32 5.52
CA SER A 173 -1.98 4.08 4.76
C SER A 173 -1.14 3.20 5.66
N LEU A 174 -1.70 2.09 6.08
CA LEU A 174 -1.00 1.19 6.98
C LEU A 174 -0.92 -0.20 6.42
N LYS A 175 0.21 -0.84 6.70
CA LYS A 175 0.49 -2.21 6.32
C LYS A 175 -0.49 -3.07 7.15
N TRP A 176 -1.23 -3.98 6.51
CA TRP A 176 -2.20 -4.78 7.25
C TRP A 176 -2.31 -6.24 6.81
N ARG A 177 -1.84 -7.15 7.66
CA ARG A 177 -1.92 -8.57 7.38
C ARG A 177 -2.38 -9.26 8.66
N CYS A 178 -3.55 -9.85 8.60
CA CYS A 178 -4.11 -10.50 9.78
C CYS A 178 -3.32 -11.73 10.22
N PRO A 179 -3.12 -11.89 11.55
CA PRO A 179 -2.40 -13.06 12.03
C PRO A 179 -3.15 -14.32 11.57
N PHE A 180 -2.42 -15.41 11.35
CA PHE A 180 -3.06 -16.64 10.89
C PHE A 180 -3.82 -17.28 12.05
N PRO A 181 -5.04 -17.78 11.79
CA PRO A 181 -5.89 -18.41 12.80
C PRO A 181 -5.22 -19.40 13.74
N ASP A 182 -4.44 -20.33 13.17
CA ASP A 182 -3.76 -21.32 13.99
C ASP A 182 -2.64 -20.73 14.85
N GLN A 183 -2.45 -19.43 14.73
CA GLN A 183 -1.44 -18.72 15.50
C GLN A 183 -2.08 -17.53 16.19
N TRP A 184 -3.34 -17.68 16.57
CA TRP A 184 -4.05 -16.60 17.23
C TRP A 184 -3.55 -16.43 18.66
N ILE A 185 -3.52 -15.19 19.14
CA ILE A 185 -3.08 -14.87 20.50
C ILE A 185 -4.21 -14.17 21.22
N LYS A 186 -4.65 -13.05 20.68
CA LYS A 186 -5.71 -12.29 21.30
C LYS A 186 -6.31 -11.35 20.30
N ASP A 187 -7.56 -10.95 20.56
CA ASP A 187 -8.27 -10.02 19.71
C ASP A 187 -7.60 -8.66 19.86
N PHE A 188 -7.69 -7.84 18.83
CA PHE A 188 -7.08 -6.52 18.89
C PHE A 188 -7.83 -5.57 17.98
N TYR A 189 -7.50 -4.29 18.06
CA TYR A 189 -8.17 -3.28 17.24
C TYR A 189 -7.21 -2.66 16.23
N ILE A 190 -7.76 -2.26 15.09
CA ILE A 190 -7.02 -1.60 14.03
C ILE A 190 -7.91 -0.46 13.55
N PRO A 191 -7.33 0.60 12.98
CA PRO A 191 -8.13 1.72 12.51
C PRO A 191 -9.13 1.29 11.47
N HIS A 192 -10.24 2.01 11.42
CA HIS A 192 -11.24 1.73 10.44
C HIS A 192 -10.70 2.37 9.14
N GLY A 193 -10.83 1.65 8.03
CA GLY A 193 -10.37 2.17 6.75
C GLY A 193 -10.75 1.20 5.66
N ASN A 194 -10.41 1.53 4.41
CA ASN A 194 -10.69 0.64 3.29
C ASN A 194 -9.51 -0.32 3.18
N LYS A 195 -9.81 -1.62 3.07
CA LYS A 195 -8.78 -2.65 2.96
C LYS A 195 -8.38 -2.79 1.50
N MET A 196 -7.47 -1.93 1.03
CA MET A 196 -7.06 -1.96 -0.36
C MET A 196 -6.26 -3.20 -0.72
N LEU A 197 -6.69 -3.88 -1.78
CA LEU A 197 -6.03 -5.08 -2.29
C LEU A 197 -4.79 -4.67 -3.14
N GLN A 198 -3.75 -5.49 -3.10
CA GLN A 198 -2.50 -5.16 -3.79
C GLN A 198 -2.03 -6.01 -4.94
N PRO A 199 -2.10 -5.48 -6.17
CA PRO A 199 -1.61 -6.29 -7.31
C PRO A 199 -0.08 -6.43 -7.15
N PHE A 200 0.47 -7.55 -7.58
CA PHE A 200 1.90 -7.80 -7.50
C PHE A 200 2.42 -8.08 -6.11
N ALA A 201 1.51 -8.42 -5.19
CA ALA A 201 1.88 -8.81 -3.83
C ALA A 201 2.45 -10.23 -4.04
N PRO A 202 3.19 -10.78 -3.03
CA PRO A 202 3.69 -12.13 -3.28
C PRO A 202 2.53 -13.08 -3.61
N SER A 203 2.84 -14.12 -4.39
CA SER A 203 1.86 -15.11 -4.84
C SER A 203 0.76 -15.50 -3.87
N TYR A 204 1.14 -15.80 -2.64
CA TYR A 204 0.18 -16.22 -1.62
C TYR A 204 0.08 -15.29 -0.42
N SER A 205 0.43 -14.02 -0.64
CA SER A 205 0.39 -13.05 0.43
C SER A 205 -1.04 -12.67 0.81
N ALA A 206 -1.26 -12.54 2.13
CA ALA A 206 -2.56 -12.14 2.67
C ALA A 206 -2.52 -10.68 3.12
N GLU A 207 -1.47 -9.96 2.73
CA GLU A 207 -1.28 -8.56 3.08
C GLU A 207 -2.05 -7.57 2.21
N MET A 208 -2.59 -6.54 2.86
CA MET A 208 -3.32 -5.48 2.18
C MET A 208 -2.88 -4.17 2.84
N ARG A 209 -3.43 -3.06 2.36
CA ARG A 209 -3.10 -1.75 2.91
C ARG A 209 -4.38 -1.11 3.43
N LEU A 210 -4.35 -0.65 4.69
CA LEU A 210 -5.49 -0.01 5.32
C LEU A 210 -5.39 1.49 5.06
N LEU A 211 -6.36 2.03 4.33
CA LEU A 211 -6.39 3.43 3.94
C LEU A 211 -7.45 4.18 4.72
N SER A 212 -7.05 5.23 5.42
CA SER A 212 -7.99 6.01 6.22
C SER A 212 -7.88 7.51 6.05
N ILE A 213 -9.02 8.18 6.13
CA ILE A 213 -9.09 9.65 6.04
C ILE A 213 -9.77 10.08 7.34
N TYR A 214 -9.12 10.98 8.07
CA TYR A 214 -9.66 11.42 9.34
C TYR A 214 -10.44 12.73 9.35
N THR A 215 -11.73 12.58 9.55
CA THR A 215 -12.70 13.69 9.61
C THR A 215 -12.95 13.95 11.10
N GLY A 216 -13.17 15.22 11.45
CA GLY A 216 -13.44 15.55 12.85
C GLY A 216 -12.27 15.23 13.75
N GLU A 217 -12.54 15.08 15.05
CA GLU A 217 -11.49 14.78 16.01
C GLU A 217 -11.66 13.37 16.55
N ASN A 218 -12.45 12.57 15.83
CA ASN A 218 -12.73 11.20 16.23
C ASN A 218 -11.74 10.22 15.64
N MET A 219 -11.78 8.99 16.16
CA MET A 219 -10.92 7.92 15.71
C MET A 219 -11.70 6.64 15.90
N ARG A 220 -12.13 6.03 14.80
CA ARG A 220 -12.88 4.80 14.85
C ARG A 220 -11.93 3.61 14.68
N LEU A 221 -12.10 2.59 15.51
CA LEU A 221 -11.29 1.38 15.47
C LEU A 221 -12.23 0.22 15.24
N THR A 222 -11.68 -0.94 14.94
CA THR A 222 -12.50 -2.13 14.73
C THR A 222 -11.77 -3.31 15.33
N ARG A 223 -12.51 -4.15 16.02
CA ARG A 223 -11.93 -5.31 16.67
C ARG A 223 -11.66 -6.42 15.67
N VAL A 224 -10.60 -7.17 15.88
CA VAL A 224 -10.30 -8.28 15.01
C VAL A 224 -10.19 -9.56 15.83
N THR A 225 -11.02 -10.52 15.49
CA THR A 225 -11.09 -11.80 16.18
C THR A 225 -10.56 -12.98 15.37
N LYS A 226 -10.38 -14.11 16.03
CA LYS A 226 -9.89 -15.31 15.37
C LYS A 226 -10.82 -15.71 14.23
N SER A 227 -12.13 -15.54 14.40
CA SER A 227 -13.07 -15.89 13.33
C SER A 227 -12.81 -14.98 12.13
N ASP A 228 -12.42 -13.74 12.39
CA ASP A 228 -12.09 -12.80 11.32
C ASP A 228 -10.81 -13.28 10.66
N ALA A 229 -9.85 -13.71 11.48
CA ALA A 229 -8.59 -14.25 10.98
C ALA A 229 -8.84 -15.48 10.10
N VAL A 230 -9.85 -16.30 10.43
CA VAL A 230 -10.17 -17.48 9.63
C VAL A 230 -10.73 -17.04 8.30
N ASN A 231 -11.55 -16.01 8.33
CA ASN A 231 -12.17 -15.46 7.14
C ASN A 231 -11.10 -14.87 6.19
N TYR A 232 -10.17 -14.07 6.73
CA TYR A 232 -9.08 -13.44 5.96
C TYR A 232 -8.25 -14.47 5.20
N GLU A 233 -7.94 -15.56 5.89
CA GLU A 233 -7.17 -16.65 5.34
C GLU A 233 -7.84 -17.33 4.14
N LYS A 234 -9.13 -17.60 4.25
CA LYS A 234 -9.87 -18.28 3.19
C LYS A 234 -10.20 -17.38 2.00
N LYS A 235 -10.54 -16.13 2.28
CA LYS A 235 -10.84 -15.17 1.23
C LYS A 235 -9.55 -14.85 0.47
N MET A 236 -8.47 -14.60 1.20
CA MET A 236 -7.20 -14.29 0.55
C MET A 236 -6.65 -15.51 -0.19
N TYR A 237 -6.90 -16.70 0.32
CA TYR A 237 -6.40 -17.90 -0.35
C TYR A 237 -7.14 -18.11 -1.67
N TYR A 238 -8.43 -17.81 -1.67
CA TYR A 238 -9.22 -17.96 -2.87
C TYR A 238 -8.76 -16.92 -3.90
N LEU A 239 -8.47 -15.72 -3.45
CA LEU A 239 -7.99 -14.67 -4.34
C LEU A 239 -6.66 -15.06 -5.01
N ASN A 240 -5.71 -15.50 -4.19
CA ASN A 240 -4.37 -15.89 -4.63
C ASN A 240 -4.30 -17.12 -5.50
N LYS A 241 -4.94 -18.19 -5.04
CA LYS A 241 -4.93 -19.44 -5.77
C LYS A 241 -5.75 -19.45 -7.06
N ILE A 242 -6.93 -18.83 -7.03
CA ILE A 242 -7.82 -18.86 -8.18
C ILE A 242 -7.84 -17.61 -9.04
N VAL A 243 -8.21 -16.50 -8.44
CA VAL A 243 -8.36 -15.24 -9.15
C VAL A 243 -7.09 -14.69 -9.80
N ARG A 244 -6.06 -14.49 -9.00
CA ARG A 244 -4.82 -13.94 -9.52
C ARG A 244 -4.14 -14.82 -10.57
N ASN A 245 -4.64 -16.04 -10.72
CA ASN A 245 -4.10 -16.96 -11.72
C ASN A 245 -4.90 -16.92 -13.01
N LYS A 246 -5.84 -15.97 -13.12
CA LYS A 246 -6.68 -15.83 -14.30
C LYS A 246 -6.12 -14.90 -15.37
N VAL A 247 -6.46 -15.22 -16.62
CA VAL A 247 -6.09 -14.43 -17.78
C VAL A 247 -7.42 -13.81 -18.17
N VAL A 248 -7.54 -12.50 -18.03
CA VAL A 248 -8.75 -11.77 -18.36
C VAL A 248 -8.77 -11.53 -19.89
N VAL A 249 -9.26 -12.52 -20.64
CA VAL A 249 -9.29 -12.44 -22.10
C VAL A 249 -10.13 -11.35 -22.73
N ASN A 250 -10.97 -10.69 -21.95
CA ASN A 250 -11.73 -9.59 -22.51
C ASN A 250 -11.05 -8.27 -22.06
N PHE A 251 -9.79 -8.37 -21.66
CA PHE A 251 -8.99 -7.22 -21.22
C PHE A 251 -8.06 -6.91 -22.37
N ASP A 252 -8.43 -5.93 -23.19
CA ASP A 252 -7.59 -5.56 -24.31
C ASP A 252 -6.45 -4.74 -23.74
N TYR A 253 -5.32 -5.39 -23.58
CA TYR A 253 -4.17 -4.76 -23.02
C TYR A 253 -3.03 -5.71 -23.35
N PRO A 254 -1.81 -5.19 -23.53
CA PRO A 254 -0.61 -5.96 -23.86
C PRO A 254 -0.39 -7.16 -22.93
N ASN A 255 -0.86 -7.05 -21.69
CA ASN A 255 -0.77 -8.15 -20.74
C ASN A 255 -2.14 -8.34 -20.15
N GLN A 256 -2.67 -9.53 -20.29
CA GLN A 256 -4.00 -9.84 -19.81
C GLN A 256 -4.10 -10.56 -18.48
N GLU A 257 -2.96 -10.81 -17.84
CA GLU A 257 -2.98 -11.46 -16.53
C GLU A 257 -3.74 -10.60 -15.51
N TYR A 258 -4.37 -11.25 -14.55
CA TYR A 258 -5.12 -10.57 -13.52
C TYR A 258 -4.43 -9.34 -12.89
N ASP A 259 -3.20 -9.50 -12.41
CA ASP A 259 -2.44 -8.38 -11.78
C ASP A 259 -2.29 -7.11 -12.66
N TYR A 260 -2.27 -7.27 -13.99
CA TYR A 260 -2.16 -6.12 -14.92
C TYR A 260 -3.54 -5.50 -15.08
N PHE A 261 -4.55 -6.35 -15.00
CA PHE A 261 -5.96 -5.91 -15.06
C PHE A 261 -6.23 -5.11 -13.78
N HIS A 262 -5.77 -5.65 -12.66
CA HIS A 262 -5.91 -5.00 -11.35
C HIS A 262 -5.08 -3.71 -11.38
N MET A 263 -3.83 -3.78 -11.82
CA MET A 263 -2.99 -2.58 -11.91
C MET A 263 -3.66 -1.49 -12.75
N TYR A 264 -4.23 -1.89 -13.88
CA TYR A 264 -4.92 -0.97 -14.78
C TYR A 264 -5.92 -0.12 -14.02
N PHE A 265 -6.77 -0.77 -13.24
CA PHE A 265 -7.78 -0.03 -12.49
C PHE A 265 -7.20 0.97 -11.50
N MET A 266 -6.04 0.67 -10.91
CA MET A 266 -5.41 1.60 -9.98
C MET A 266 -4.84 2.79 -10.77
N LEU A 267 -4.12 2.47 -11.83
CA LEU A 267 -3.49 3.50 -12.65
C LEU A 267 -4.44 4.45 -13.34
N ARG A 268 -5.66 4.00 -13.61
CA ARG A 268 -6.64 4.85 -14.28
C ARG A 268 -7.11 6.00 -13.40
N THR A 269 -6.82 5.92 -12.11
CA THR A 269 -7.23 6.97 -11.16
C THR A 269 -6.15 8.05 -11.00
N VAL A 270 -4.95 7.73 -11.45
CA VAL A 270 -3.79 8.61 -11.34
C VAL A 270 -3.90 9.79 -12.31
N TYR A 271 -3.51 10.98 -11.85
CA TYR A 271 -3.56 12.20 -12.66
C TYR A 271 -2.24 12.41 -13.39
N CYS A 272 -2.33 13.02 -14.57
CA CYS A 272 -1.16 13.29 -15.39
C CYS A 272 -1.21 14.70 -16.00
N ASN A 273 -0.05 15.21 -16.44
CA ASN A 273 0.04 16.54 -17.08
C ASN A 273 -0.37 16.37 -18.56
N LYS A 274 0.13 15.29 -19.15
CA LYS A 274 -0.09 14.92 -20.53
C LYS A 274 -1.53 14.46 -20.74
N THR A 275 -2.15 14.90 -21.82
CA THR A 275 -3.53 14.51 -22.11
C THR A 275 -3.49 13.33 -23.04
N PHE A 276 -4.36 12.35 -22.78
CA PHE A 276 -4.44 11.13 -23.58
C PHE A 276 -5.84 10.99 -24.20
N PRO A 277 -5.92 10.33 -25.38
CA PRO A 277 -7.19 10.12 -26.11
C PRO A 277 -8.04 9.01 -25.47
N THR A 278 -7.40 8.17 -24.67
CA THR A 278 -8.07 7.08 -23.97
C THR A 278 -7.40 6.76 -22.63
N THR A 279 -8.15 6.11 -21.76
CA THR A 279 -7.66 5.68 -20.45
C THR A 279 -6.56 4.65 -20.71
N LYS A 280 -6.77 3.80 -21.71
CA LYS A 280 -5.80 2.77 -22.07
C LYS A 280 -4.44 3.39 -22.42
N ALA A 281 -4.50 4.56 -23.06
CA ALA A 281 -3.31 5.30 -23.44
C ALA A 281 -2.64 5.85 -22.20
N LYS A 282 -3.42 6.40 -21.27
CA LYS A 282 -2.81 6.93 -20.05
C LYS A 282 -2.13 5.82 -19.26
N VAL A 283 -2.87 4.73 -19.02
CA VAL A 283 -2.37 3.59 -18.27
C VAL A 283 -1.11 2.97 -18.86
N LEU A 284 -1.12 2.72 -20.17
CA LEU A 284 0.05 2.15 -20.82
C LEU A 284 1.26 3.07 -20.58
N PHE A 285 1.02 4.37 -20.62
CA PHE A 285 2.08 5.34 -20.42
C PHE A 285 2.60 5.29 -18.98
N LEU A 286 1.68 5.31 -18.03
CA LEU A 286 2.06 5.26 -16.62
C LEU A 286 2.81 3.96 -16.33
N GLN A 287 2.30 2.84 -16.84
CA GLN A 287 2.93 1.54 -16.63
C GLN A 287 4.32 1.49 -17.25
N GLN A 288 4.43 1.95 -18.48
CA GLN A 288 5.71 1.98 -19.18
C GLN A 288 6.70 2.77 -18.33
N SER A 289 6.26 3.96 -17.92
CA SER A 289 7.07 4.86 -17.11
C SER A 289 7.52 4.23 -15.79
N ILE A 290 6.59 3.57 -15.12
CA ILE A 290 6.86 2.91 -13.86
C ILE A 290 7.84 1.75 -14.03
N PHE A 291 7.60 0.89 -15.01
CA PHE A 291 8.48 -0.24 -15.23
C PHE A 291 9.90 0.22 -15.62
N ARG A 292 10.01 1.25 -16.45
CA ARG A 292 11.32 1.74 -16.85
C ARG A 292 12.07 2.29 -15.63
N PHE A 293 11.35 3.06 -14.79
CA PHE A 293 11.97 3.61 -13.59
C PHE A 293 12.48 2.47 -12.71
N LEU A 294 11.67 1.44 -12.52
CA LEU A 294 12.07 0.33 -11.67
C LEU A 294 12.97 -0.70 -12.30
N ASN A 295 13.26 -0.56 -13.61
CA ASN A 295 14.15 -1.48 -14.33
C ASN A 295 13.51 -2.86 -14.47
N ILE A 296 12.20 -2.86 -14.68
CA ILE A 296 11.46 -4.09 -14.85
C ILE A 296 11.25 -4.15 -16.36
N PRO A 297 11.73 -5.22 -17.02
CA PRO A 297 11.60 -5.41 -18.47
C PRO A 297 10.16 -5.24 -18.98
N SAH B . 8.75 0.68 2.65
CA SAH B . 10.10 0.25 2.28
CB SAH B . 10.34 -1.19 2.76
CG SAH B . 10.15 -1.40 4.26
SD SAH B . 10.69 -3.01 4.83
C SAH B . 10.33 0.32 0.76
O SAH B . 9.62 1.10 0.09
OXT SAH B . 11.37 -0.22 0.30
C5' SAH B . 10.37 -2.80 6.59
C4' SAH B . 11.14 -1.62 7.25
O4' SAH B . 10.54 -1.32 8.54
C3' SAH B . 12.70 -1.96 7.44
O3' SAH B . 13.52 -1.06 6.64
C2' SAH B . 12.78 -1.63 8.94
O2' SAH B . 14.06 -1.06 9.33
C1' SAH B . 11.63 -0.66 9.18
N9 SAH B . 11.25 -0.47 10.60
C8 SAH B . 10.92 -1.43 11.54
N7 SAH B . 10.58 -0.92 12.68
C5 SAH B . 10.70 0.47 12.49
C6 SAH B . 10.49 1.58 13.34
N6 SAH B . 10.12 1.50 14.62
N1 SAH B . 10.72 2.79 12.82
C2 SAH B . 11.12 2.94 11.59
N3 SAH B . 11.34 2.00 10.73
C4 SAH B . 11.11 0.75 11.24
HN1 SAH B . 8.62 1.03 3.55
HO2' SAH B . 14.06 -1.16 10.28
HN61 SAH B . 9.93 0.61 15.04
HN62 SAH B . 10.01 2.32 15.20
N3 3MC C . -0.77 -18.05 4.73
CN3 3MC C . -0.56 -17.18 3.57
N1 3MC C . -2.28 -19.14 6.27
C2 3MC C . -1.98 -18.35 5.23
O2 3MC C . -3.07 -17.78 4.58
C4 3MC C . 0.36 -18.56 5.26
N4 3MC C . 1.55 -18.28 4.73
C5 3MC C . 0.18 -19.40 6.37
C6 3MC C . -1.17 -19.63 6.81
#